data_8K8H
#
_entry.id   8K8H
#
_cell.length_a   141.582
_cell.length_b   79.205
_cell.length_c   89.542
_cell.angle_alpha   90.00
_cell.angle_beta   121.53
_cell.angle_gamma   90.00
#
_symmetry.space_group_name_H-M   'C 1 2 1'
#
loop_
_entity.id
_entity.type
_entity.pdbx_description
1 polymer 'Lymphocyte antigen 75'
2 water water
#
_entity_poly.entity_id   1
_entity_poly.type   'polypeptide(L)'
_entity_poly.pdbx_seq_one_letter_code
;ANDPFTIVHGNTGKCIKPVYGWIVADDCDETEDKLWKWVSQHRLFHLHSQKCLGLDITKSVNELRMFSCDSSAMLWWKCE
HHSLYGAARYRLALKDGHGTAISNASDVWKKGGSEESLCDQPYHEIYTRDGNSYGRPCEFPFLIDGTWHHDCILDEDHSG
PWCATTLNYEYDRKWGICLKPENGCEDNWEKNEQFGSCYQFNTQTALSWKEAYVSCQNQGADLLSINSAAELTYLKEKEG
IAKIFWIGLNQLYSARGWEWSDHKPLNFLNWDPDRPSAPTIGGSSCARMDAESGLWQSFSCEAQLPYVCRKPLNNTVELT
DVWTYSDTRCDAGWLPNNGFCYLLVNESNSWDKAHAKCKAFSSDLISIHSLADVEVVVTKLHNEDIKEEVWIGLKNINIP
TLFQWSDGTEVTLTYWDENEPNVPYNKTPNCVSYLGELGQWKVQSCEEKLKYVCKRKGEKLNDASSDKMCPPDEGWKRHG
ETCYKIYEDEVPFGTNCNLTITSRFEQEYLNDLMKKYDKSLRKYFWTGLRDVDSCGEYNWATVGGRRRAVTFSNWNFLEP
ASPGGCVAMSTGKSVGKWEVKDCRSFKALSICKKMS
;
_entity_poly.pdbx_strand_id   A
#
# COMPACT_ATOMS: atom_id res chain seq x y z
N ALA A 1 -11.56 -0.38 -15.29
CA ALA A 1 -11.29 -0.79 -13.92
C ALA A 1 -11.48 -2.26 -13.82
N ASN A 2 -12.66 -2.66 -13.34
CA ASN A 2 -12.82 -4.12 -13.07
C ASN A 2 -14.19 -4.70 -13.41
N ASP A 3 -15.22 -4.45 -12.60
CA ASP A 3 -16.50 -5.19 -12.79
C ASP A 3 -17.71 -4.37 -13.25
N PRO A 4 -18.55 -4.91 -14.16
CA PRO A 4 -19.82 -4.27 -14.55
C PRO A 4 -20.68 -3.87 -13.37
N PHE A 5 -21.61 -2.95 -13.57
CA PHE A 5 -22.58 -2.65 -12.52
C PHE A 5 -23.81 -1.98 -13.14
N THR A 6 -24.79 -1.73 -12.30
CA THR A 6 -26.04 -1.11 -12.71
C THR A 6 -26.18 0.21 -11.99
N ILE A 7 -26.73 1.20 -12.68
CA ILE A 7 -26.79 2.56 -12.17
C ILE A 7 -28.22 2.83 -11.74
N VAL A 8 -28.41 3.07 -10.45
CA VAL A 8 -29.73 2.98 -9.82
C VAL A 8 -30.10 4.37 -9.31
N HIS A 9 -31.29 4.84 -9.70
CA HIS A 9 -31.74 6.15 -9.27
C HIS A 9 -32.11 6.10 -7.79
N GLY A 10 -31.73 7.17 -7.08
CA GLY A 10 -31.95 7.18 -5.64
C GLY A 10 -33.43 7.29 -5.28
N ASN A 11 -34.14 8.21 -5.94
CA ASN A 11 -35.53 8.47 -5.55
C ASN A 11 -36.50 7.41 -6.07
N THR A 12 -36.17 6.73 -7.17
CA THR A 12 -37.07 5.74 -7.73
C THR A 12 -36.54 4.32 -7.67
N GLY A 13 -35.26 4.12 -7.36
CA GLY A 13 -34.72 2.78 -7.38
C GLY A 13 -34.73 2.12 -8.74
N LYS A 14 -34.87 2.91 -9.81
CA LYS A 14 -34.94 2.37 -11.16
C LYS A 14 -33.57 2.46 -11.84
N CYS A 15 -33.28 1.45 -12.66
CA CYS A 15 -31.97 1.34 -13.31
C CYS A 15 -31.99 2.01 -14.67
N ILE A 16 -31.11 3.00 -14.86
CA ILE A 16 -31.05 3.70 -16.15
C ILE A 16 -30.39 2.81 -17.20
N LYS A 17 -30.79 3.02 -18.44
CA LYS A 17 -30.21 2.34 -19.60
C LYS A 17 -30.49 3.19 -20.84
N PRO A 18 -29.86 2.90 -22.01
CA PRO A 18 -30.13 3.63 -23.25
C PRO A 18 -31.07 2.80 -24.14
N VAL A 19 -32.05 3.42 -24.74
CA VAL A 19 -32.78 2.91 -25.90
C VAL A 19 -32.70 3.84 -27.09
N TYR A 20 -32.20 3.33 -28.22
CA TYR A 20 -31.82 4.17 -29.36
C TYR A 20 -30.96 5.34 -28.90
N GLY A 21 -29.96 5.02 -28.07
CA GLY A 21 -28.98 5.96 -27.55
C GLY A 21 -29.48 7.03 -26.62
N TRP A 22 -30.69 6.93 -26.09
CA TRP A 22 -31.20 7.90 -25.12
C TRP A 22 -31.38 7.21 -23.77
N ILE A 23 -31.17 7.97 -22.70
CA ILE A 23 -31.19 7.41 -21.36
C ILE A 23 -32.61 7.41 -20.82
N VAL A 24 -33.12 6.22 -20.46
CA VAL A 24 -34.42 6.09 -19.81
C VAL A 24 -34.29 5.19 -18.59
N ALA A 25 -35.04 5.53 -17.54
CA ALA A 25 -35.15 4.66 -16.38
C ALA A 25 -35.99 3.42 -16.68
N ASP A 26 -35.66 2.31 -16.03
CA ASP A 26 -36.24 1.00 -16.29
C ASP A 26 -36.17 0.16 -15.02
N ASP A 27 -37.00 -0.88 -14.96
CA ASP A 27 -37.00 -1.76 -13.80
C ASP A 27 -35.80 -2.70 -13.86
N CYS A 28 -34.98 -2.69 -12.81
CA CYS A 28 -33.71 -3.46 -12.83
C CYS A 28 -34.06 -4.91 -13.15
N ASP A 29 -33.64 -5.41 -14.31
CA ASP A 29 -33.84 -6.85 -14.61
C ASP A 29 -32.48 -7.45 -14.29
N GLU A 30 -32.25 -8.70 -14.49
CA GLU A 30 -30.93 -9.32 -14.21
C GLU A 30 -30.17 -9.64 -15.49
N THR A 31 -30.35 -8.79 -16.50
CA THR A 31 -29.77 -9.07 -17.83
C THR A 31 -28.51 -8.24 -18.08
N GLU A 32 -28.08 -8.17 -19.33
CA GLU A 32 -26.87 -7.45 -19.71
C GLU A 32 -27.16 -5.99 -19.98
N ASP A 33 -28.34 -5.67 -20.46
CA ASP A 33 -28.60 -4.36 -21.04
C ASP A 33 -28.78 -3.25 -19.98
N LYS A 34 -28.52 -3.52 -18.70
CA LYS A 34 -28.53 -2.49 -17.68
C LYS A 34 -27.15 -2.31 -17.03
N LEU A 35 -26.11 -2.84 -17.67
CA LEU A 35 -24.78 -3.00 -17.09
C LEU A 35 -23.83 -1.94 -17.59
N TRP A 36 -22.99 -1.43 -16.69
CA TRP A 36 -21.96 -0.46 -17.04
C TRP A 36 -20.67 -0.80 -16.33
N LYS A 37 -19.54 -0.48 -16.95
CA LYS A 37 -18.26 -0.41 -16.25
C LYS A 37 -17.64 0.96 -16.53
N TRP A 38 -16.66 1.33 -15.71
CA TRP A 38 -15.83 2.46 -16.04
C TRP A 38 -14.78 2.04 -17.07
N VAL A 39 -14.48 2.96 -17.98
CA VAL A 39 -13.37 2.74 -18.88
C VAL A 39 -12.37 3.87 -18.67
N SER A 40 -11.26 3.83 -19.40
CA SER A 40 -10.21 4.81 -19.21
C SER A 40 -10.75 6.22 -19.46
N GLN A 41 -10.06 7.21 -18.89
CA GLN A 41 -10.36 8.63 -19.07
C GLN A 41 -11.70 9.04 -18.48
N HIS A 42 -12.22 8.29 -17.50
CA HIS A 42 -13.37 8.65 -16.68
C HIS A 42 -14.65 8.45 -17.45
N ARG A 43 -14.70 7.65 -18.43
CA ARG A 43 -15.93 7.27 -19.11
C ARG A 43 -16.78 6.10 -18.62
N LEU A 44 -18.11 6.24 -18.73
CA LEU A 44 -19.05 5.16 -18.42
C LEU A 44 -19.42 4.44 -19.71
N PHE A 45 -19.03 3.18 -19.79
CA PHE A 45 -19.24 2.34 -20.97
C PHE A 45 -20.47 1.47 -20.73
N HIS A 46 -21.48 1.60 -21.58
CA HIS A 46 -22.65 0.72 -21.54
C HIS A 46 -22.33 -0.51 -22.38
N LEU A 47 -22.27 -1.67 -21.72
CA LEU A 47 -21.65 -2.84 -22.35
C LEU A 47 -22.43 -3.29 -23.56
N HIS A 48 -23.76 -3.33 -23.46
CA HIS A 48 -24.55 -3.92 -24.53
C HIS A 48 -24.41 -3.16 -25.84
N SER A 49 -24.54 -1.83 -25.79
CA SER A 49 -24.52 -1.00 -26.98
C SER A 49 -23.11 -0.63 -27.44
N GLN A 50 -22.09 -0.85 -26.60
CA GLN A 50 -20.72 -0.47 -26.96
C GLN A 50 -20.59 1.04 -27.18
N LYS A 51 -21.28 1.80 -26.35
CA LYS A 51 -21.29 3.25 -26.40
C LYS A 51 -20.95 3.79 -25.01
N CYS A 52 -20.45 5.02 -24.97
CA CYS A 52 -20.09 5.70 -23.73
C CYS A 52 -21.10 6.80 -23.43
N LEU A 53 -21.51 6.92 -22.17
CA LEU A 53 -22.40 8.00 -21.80
C LEU A 53 -21.69 9.34 -21.97
N GLY A 54 -22.38 10.30 -22.57
CA GLY A 54 -21.78 11.58 -22.85
C GLY A 54 -22.79 12.71 -22.86
N LEU A 55 -22.29 13.91 -23.12
CA LEU A 55 -23.06 15.13 -22.94
C LEU A 55 -22.57 16.15 -23.98
N ASP A 56 -23.43 16.51 -24.92
CA ASP A 56 -23.09 17.50 -25.94
C ASP A 56 -23.33 18.90 -25.39
N ILE A 57 -22.25 19.66 -25.20
CA ILE A 57 -22.37 21.03 -24.69
C ILE A 57 -22.19 22.08 -25.77
N THR A 58 -22.02 21.68 -27.02
CA THR A 58 -21.97 22.68 -28.09
C THR A 58 -23.31 23.40 -28.16
N LYS A 59 -23.25 24.72 -28.24
CA LYS A 59 -24.41 25.60 -27.96
C LYS A 59 -24.77 25.39 -26.50
N SER A 60 -26.05 25.42 -26.14
CA SER A 60 -26.52 25.11 -24.80
C SER A 60 -27.40 23.86 -24.81
N VAL A 61 -27.24 23.02 -25.84
CA VAL A 61 -28.15 21.88 -26.00
C VAL A 61 -28.16 21.04 -24.73
N ASN A 62 -26.98 20.86 -24.11
CA ASN A 62 -26.80 19.99 -22.94
C ASN A 62 -27.39 18.61 -23.20
N GLU A 63 -27.29 18.16 -24.43
CA GLU A 63 -27.91 16.91 -24.80
C GLU A 63 -27.18 15.76 -24.13
N LEU A 64 -27.91 14.94 -23.37
CA LEU A 64 -27.36 13.81 -22.62
C LEU A 64 -27.73 12.54 -23.36
N ARG A 65 -26.77 11.91 -24.02
CA ARG A 65 -27.10 10.73 -24.83
C ARG A 65 -25.83 9.90 -25.00
N MET A 66 -25.92 8.80 -25.76
CA MET A 66 -24.75 7.99 -26.01
C MET A 66 -23.98 8.45 -27.23
N PHE A 67 -22.65 8.31 -27.16
CA PHE A 67 -21.72 8.58 -28.26
C PHE A 67 -20.76 7.41 -28.42
N SER A 68 -20.21 7.27 -29.63
CA SER A 68 -19.01 6.46 -29.82
C SER A 68 -17.95 6.91 -28.82
N CYS A 69 -17.16 5.96 -28.32
CA CYS A 69 -16.28 6.32 -27.21
C CYS A 69 -15.11 7.19 -27.63
N ASP A 70 -14.76 7.17 -28.92
CA ASP A 70 -13.78 8.09 -29.45
C ASP A 70 -14.39 9.41 -29.88
N SER A 71 -15.65 9.64 -29.55
CA SER A 71 -16.30 10.91 -29.89
C SER A 71 -15.62 12.07 -29.16
N SER A 72 -15.86 13.27 -29.69
CA SER A 72 -15.30 14.50 -29.15
C SER A 72 -16.29 15.21 -28.24
N ALA A 73 -17.40 14.58 -27.92
CA ALA A 73 -18.30 15.15 -26.92
C ALA A 73 -17.66 15.03 -25.54
N MET A 74 -18.30 15.66 -24.56
CA MET A 74 -17.79 15.61 -23.17
C MET A 74 -18.23 14.29 -22.53
N LEU A 75 -17.38 13.26 -22.59
CA LEU A 75 -17.64 11.89 -22.12
C LEU A 75 -17.12 11.60 -20.71
N TRP A 76 -16.76 12.62 -19.93
CA TRP A 76 -16.11 12.38 -18.66
C TRP A 76 -17.06 12.62 -17.51
N TRP A 77 -16.95 11.80 -16.47
CA TRP A 77 -17.90 11.85 -15.36
C TRP A 77 -17.18 11.66 -14.04
N LYS A 78 -17.51 12.47 -13.06
CA LYS A 78 -16.90 12.38 -11.74
C LYS A 78 -17.96 12.46 -10.66
N CYS A 79 -17.69 11.80 -9.53
CA CYS A 79 -18.70 11.76 -8.44
C CYS A 79 -18.50 12.91 -7.46
N GLU A 80 -19.61 13.47 -6.99
CA GLU A 80 -19.56 14.53 -5.96
C GLU A 80 -20.56 14.09 -4.88
N HIS A 81 -20.03 13.56 -3.77
CA HIS A 81 -20.90 12.92 -2.75
C HIS A 81 -21.58 11.80 -3.54
N HIS A 82 -22.91 11.90 -3.66
CA HIS A 82 -23.69 10.84 -4.35
C HIS A 82 -23.91 11.18 -5.83
N SER A 83 -24.05 12.44 -6.28
CA SER A 83 -24.36 12.81 -7.65
C SER A 83 -23.14 12.66 -8.55
N LEU A 84 -23.42 12.49 -9.83
CA LEU A 84 -22.42 12.29 -10.87
C LEU A 84 -22.40 13.52 -11.75
N TYR A 85 -21.26 14.20 -11.84
CA TYR A 85 -21.20 15.38 -12.68
C TYR A 85 -20.28 15.17 -13.89
N GLY A 86 -20.56 15.89 -14.97
CA GLY A 86 -19.69 15.95 -16.12
C GLY A 86 -19.30 17.39 -16.41
N ALA A 87 -19.35 17.73 -17.70
CA ALA A 87 -18.99 19.09 -18.16
C ALA A 87 -19.60 20.19 -17.29
N ALA A 88 -18.80 21.18 -16.93
CA ALA A 88 -19.25 22.36 -16.19
C ALA A 88 -19.98 22.02 -14.91
N ARG A 89 -20.00 20.73 -14.54
CA ARG A 89 -20.62 20.16 -13.36
C ARG A 89 -22.13 20.05 -13.52
N TYR A 90 -22.62 19.92 -14.75
CA TYR A 90 -23.98 19.44 -14.90
C TYR A 90 -24.05 18.06 -14.29
N ARG A 91 -25.13 17.76 -13.58
CA ARG A 91 -25.26 16.47 -12.92
C ARG A 91 -26.27 15.57 -13.64
N LEU A 92 -25.93 14.28 -13.70
CA LEU A 92 -26.83 13.28 -14.24
C LEU A 92 -28.10 13.27 -13.43
N ALA A 93 -29.24 13.37 -14.13
CA ALA A 93 -30.52 13.49 -13.44
C ALA A 93 -31.60 12.79 -14.26
N LEU A 94 -32.71 12.46 -13.59
CA LEU A 94 -33.91 11.92 -14.22
C LEU A 94 -35.03 12.97 -14.23
N LYS A 95 -35.82 12.98 -15.29
CA LYS A 95 -36.97 13.88 -15.33
C LYS A 95 -38.25 13.03 -15.21
N ASP A 96 -38.67 12.40 -16.30
CA ASP A 96 -39.87 11.58 -16.27
C ASP A 96 -39.46 10.19 -16.73
N GLY A 97 -38.60 9.57 -15.94
CA GLY A 97 -37.94 8.37 -16.39
C GLY A 97 -37.00 8.59 -17.53
N HIS A 98 -36.56 9.84 -17.78
CA HIS A 98 -35.70 10.13 -18.90
C HIS A 98 -34.45 10.87 -18.44
N GLY A 99 -33.30 10.43 -18.94
CA GLY A 99 -32.03 10.94 -18.45
C GLY A 99 -31.78 12.36 -18.92
N THR A 100 -31.47 13.24 -17.96
CA THR A 100 -31.20 14.64 -18.27
C THR A 100 -29.85 15.02 -17.68
N ALA A 101 -29.47 16.29 -17.77
CA ALA A 101 -28.20 16.77 -17.19
C ALA A 101 -28.40 18.22 -16.82
N ILE A 102 -28.49 18.51 -15.53
CA ILE A 102 -28.89 19.85 -15.10
C ILE A 102 -28.10 20.28 -13.87
N SER A 103 -27.88 21.60 -13.76
CA SER A 103 -27.15 22.20 -12.66
C SER A 103 -27.86 22.04 -11.32
N ASN A 104 -27.07 21.90 -10.25
CA ASN A 104 -27.64 21.82 -8.88
C ASN A 104 -28.76 20.77 -8.83
N ALA A 105 -28.67 19.71 -9.64
CA ALA A 105 -29.65 18.65 -9.54
C ALA A 105 -29.47 17.88 -8.24
N SER A 106 -30.58 17.33 -7.76
CA SER A 106 -30.62 16.65 -6.47
C SER A 106 -30.60 15.13 -6.58
N ASP A 107 -30.75 14.58 -7.78
CA ASP A 107 -30.85 13.14 -7.94
C ASP A 107 -29.64 12.42 -7.32
N VAL A 108 -29.89 11.20 -6.87
CA VAL A 108 -28.89 10.38 -6.16
C VAL A 108 -28.63 9.12 -6.97
N TRP A 109 -27.35 8.71 -7.06
CA TRP A 109 -26.93 7.61 -7.90
C TRP A 109 -26.04 6.66 -7.12
N LYS A 110 -26.28 5.36 -7.29
CA LYS A 110 -25.62 4.32 -6.53
C LYS A 110 -25.61 3.06 -7.37
N LYS A 111 -24.55 2.26 -7.28
CA LYS A 111 -24.45 1.01 -8.08
C LYS A 111 -25.32 -0.05 -7.43
N GLY A 112 -26.29 -0.66 -8.14
CA GLY A 112 -27.19 -1.66 -7.61
C GLY A 112 -26.45 -2.86 -7.04
N GLY A 113 -27.15 -3.62 -6.21
CA GLY A 113 -26.55 -4.76 -5.55
C GLY A 113 -25.85 -4.35 -4.27
N SER A 114 -24.82 -3.51 -4.46
CA SER A 114 -24.17 -2.86 -3.31
C SER A 114 -24.89 -1.53 -3.23
N GLU A 115 -24.35 -0.57 -2.47
CA GLU A 115 -24.98 0.78 -2.43
C GLU A 115 -23.89 1.86 -2.29
N GLU A 116 -22.78 1.69 -3.01
CA GLU A 116 -21.72 2.68 -2.95
C GLU A 116 -21.88 3.67 -4.10
N SER A 117 -21.33 4.88 -3.92
CA SER A 117 -21.31 5.88 -4.98
C SER A 117 -20.61 5.30 -6.21
N LEU A 118 -20.77 5.98 -7.35
CA LEU A 118 -20.34 5.38 -8.60
C LEU A 118 -18.83 5.36 -8.77
N CYS A 119 -18.10 6.21 -8.04
CA CYS A 119 -16.65 6.29 -8.12
C CYS A 119 -15.93 5.67 -6.93
N ASP A 120 -16.63 4.85 -6.14
CA ASP A 120 -16.00 4.33 -4.94
C ASP A 120 -14.96 3.27 -5.27
N GLN A 121 -15.17 2.48 -6.32
N GLN A 121 -15.20 2.47 -6.29
CA GLN A 121 -14.03 1.63 -6.67
CA GLN A 121 -14.01 1.70 -6.62
C GLN A 121 -13.12 2.37 -7.66
C GLN A 121 -13.13 2.51 -7.57
N PRO A 122 -11.80 2.34 -7.50
CA PRO A 122 -10.92 3.10 -8.39
C PRO A 122 -10.54 2.29 -9.62
N TYR A 123 -10.06 2.99 -10.65
CA TYR A 123 -9.85 2.36 -11.95
C TYR A 123 -8.64 1.44 -11.86
N HIS A 124 -8.88 0.14 -11.80
CA HIS A 124 -7.77 -0.82 -11.83
C HIS A 124 -7.15 -0.85 -13.22
N GLU A 125 -5.84 -0.68 -13.29
CA GLU A 125 -5.15 -0.92 -14.54
C GLU A 125 -4.82 -2.41 -14.67
N ILE A 126 -4.63 -2.85 -15.91
CA ILE A 126 -4.25 -4.23 -16.21
C ILE A 126 -2.97 -4.15 -17.02
N TYR A 127 -1.88 -4.63 -16.46
CA TYR A 127 -0.63 -4.54 -17.21
C TYR A 127 -0.44 -5.79 -18.04
N THR A 128 0.42 -5.69 -19.05
CA THR A 128 0.63 -6.77 -19.99
C THR A 128 2.04 -7.33 -19.87
N ARG A 129 2.21 -8.49 -20.50
CA ARG A 129 3.53 -9.00 -20.82
C ARG A 129 3.54 -9.42 -22.27
N ASP A 130 4.74 -9.53 -22.81
CA ASP A 130 4.96 -9.98 -24.18
C ASP A 130 4.38 -9.02 -25.20
N GLY A 131 3.75 -9.57 -26.25
CA GLY A 131 3.25 -8.74 -27.33
C GLY A 131 4.36 -7.88 -27.93
N ASN A 132 4.00 -6.62 -28.23
CA ASN A 132 4.93 -5.62 -28.76
C ASN A 132 4.88 -4.35 -27.92
N SER A 133 4.60 -4.48 -26.62
CA SER A 133 4.30 -3.32 -25.79
C SER A 133 5.20 -3.15 -24.57
N TYR A 134 6.18 -4.03 -24.37
CA TYR A 134 7.11 -3.89 -23.27
C TYR A 134 6.39 -3.60 -21.96
N GLY A 135 5.23 -4.22 -21.78
CA GLY A 135 4.55 -4.29 -20.51
C GLY A 135 3.49 -3.24 -20.26
N ARG A 136 3.42 -2.21 -21.10
CA ARG A 136 2.42 -1.15 -20.99
C ARG A 136 1.01 -1.71 -20.81
N PRO A 137 0.13 -1.01 -20.07
CA PRO A 137 -1.19 -1.57 -19.77
C PRO A 137 -2.20 -1.35 -20.88
N CYS A 138 -3.30 -2.10 -20.79
CA CYS A 138 -4.39 -2.01 -21.76
C CYS A 138 -5.07 -0.66 -21.73
N GLU A 139 -5.55 -0.23 -22.90
CA GLU A 139 -6.38 0.96 -23.06
C GLU A 139 -7.82 0.51 -23.34
N PHE A 140 -8.67 0.60 -22.32
CA PHE A 140 -10.06 0.24 -22.60
C PHE A 140 -10.93 1.48 -22.77
N PRO A 141 -11.81 1.47 -23.77
CA PRO A 141 -12.02 0.37 -24.71
C PRO A 141 -11.12 0.51 -25.92
N PHE A 142 -10.93 -0.56 -26.67
CA PHE A 142 -10.22 -0.51 -27.92
C PHE A 142 -11.14 -1.06 -29.01
N LEU A 143 -10.85 -0.72 -30.26
CA LEU A 143 -11.77 -0.98 -31.36
C LEU A 143 -11.11 -1.86 -32.41
N ILE A 144 -11.72 -3.01 -32.66
CA ILE A 144 -11.34 -3.89 -33.76
C ILE A 144 -12.60 -4.24 -34.54
N ASP A 145 -12.66 -3.80 -35.80
CA ASP A 145 -13.68 -4.26 -36.74
C ASP A 145 -15.09 -4.02 -36.20
N GLY A 146 -15.36 -2.75 -35.91
CA GLY A 146 -16.67 -2.30 -35.46
C GLY A 146 -17.00 -2.58 -34.02
N THR A 147 -16.21 -3.39 -33.33
CA THR A 147 -16.53 -3.81 -31.97
C THR A 147 -15.61 -3.09 -30.97
N TRP A 148 -16.21 -2.54 -29.92
CA TRP A 148 -15.48 -1.82 -28.87
C TRP A 148 -15.35 -2.74 -27.67
N HIS A 149 -14.16 -3.33 -27.51
CA HIS A 149 -13.91 -4.27 -26.43
C HIS A 149 -13.56 -3.55 -25.14
N HIS A 150 -14.20 -3.97 -24.05
CA HIS A 150 -14.03 -3.41 -22.71
C HIS A 150 -13.18 -4.28 -21.79
N ASP A 151 -12.78 -5.46 -22.23
CA ASP A 151 -11.97 -6.34 -21.40
C ASP A 151 -11.03 -7.06 -22.35
N CYS A 152 -10.22 -7.96 -21.82
CA CYS A 152 -9.29 -8.67 -22.67
C CYS A 152 -10.05 -9.66 -23.54
N ILE A 153 -9.40 -10.08 -24.61
CA ILE A 153 -10.01 -10.90 -25.64
C ILE A 153 -9.33 -12.26 -25.64
N LEU A 154 -10.14 -13.32 -25.73
CA LEU A 154 -9.63 -14.67 -25.95
C LEU A 154 -9.81 -15.04 -27.42
N ASP A 155 -8.70 -15.36 -28.08
CA ASP A 155 -8.66 -15.63 -29.50
C ASP A 155 -7.76 -16.83 -29.70
N GLU A 156 -7.97 -17.56 -30.80
CA GLU A 156 -6.98 -18.56 -31.19
C GLU A 156 -5.68 -17.90 -31.65
N ASP A 157 -5.72 -16.59 -31.92
CA ASP A 157 -4.60 -15.86 -32.51
C ASP A 157 -3.52 -15.51 -31.49
N HIS A 158 -3.86 -15.47 -30.20
CA HIS A 158 -2.94 -15.02 -29.17
C HIS A 158 -2.87 -16.03 -28.03
N SER A 159 -1.68 -16.12 -27.41
CA SER A 159 -1.29 -17.09 -26.39
C SER A 159 -2.43 -17.27 -25.38
N GLY A 160 -3.00 -16.13 -24.96
CA GLY A 160 -4.07 -16.13 -24.01
C GLY A 160 -4.68 -14.76 -24.08
N PRO A 161 -5.41 -14.35 -23.03
CA PRO A 161 -6.14 -13.08 -23.11
C PRO A 161 -5.20 -11.92 -23.44
N TRP A 162 -5.74 -10.96 -24.18
CA TRP A 162 -4.92 -9.89 -24.75
C TRP A 162 -5.78 -8.64 -24.94
N CYS A 163 -5.09 -7.52 -25.15
CA CYS A 163 -5.73 -6.21 -25.19
C CYS A 163 -4.82 -5.30 -25.99
N ALA A 164 -5.42 -4.27 -26.56
CA ALA A 164 -4.63 -3.19 -27.15
C ALA A 164 -4.25 -2.20 -26.05
N THR A 165 -3.07 -1.60 -26.24
CA THR A 165 -2.52 -0.73 -25.22
C THR A 165 -2.40 0.71 -25.70
N THR A 166 -3.07 1.08 -26.78
CA THR A 166 -3.15 2.47 -27.20
C THR A 166 -4.59 2.78 -27.46
N LEU A 167 -4.86 4.05 -27.78
CA LEU A 167 -6.22 4.50 -28.03
C LEU A 167 -6.64 4.32 -29.49
N ASN A 168 -5.84 3.60 -30.28
CA ASN A 168 -6.14 3.41 -31.69
C ASN A 168 -5.50 2.12 -32.17
N TYR A 169 -6.17 0.99 -31.89
CA TYR A 169 -5.58 -0.30 -32.21
C TYR A 169 -5.39 -0.49 -33.71
N GLU A 170 -6.46 -0.26 -34.51
CA GLU A 170 -6.37 -0.59 -35.93
C GLU A 170 -5.21 0.13 -36.62
N TYR A 171 -4.85 1.33 -36.16
CA TYR A 171 -3.65 1.99 -36.66
C TYR A 171 -2.38 1.47 -35.97
N ASP A 172 -2.28 1.66 -34.66
CA ASP A 172 -0.99 1.41 -34.02
C ASP A 172 -0.65 -0.07 -33.89
N ARG A 173 -1.66 -0.95 -33.87
CA ARG A 173 -1.45 -2.40 -33.75
C ARG A 173 -0.46 -2.73 -32.62
N LYS A 174 -0.64 -2.07 -31.48
CA LYS A 174 0.22 -2.23 -30.31
C LYS A 174 -0.61 -2.89 -29.22
N TRP A 175 -0.15 -4.04 -28.73
CA TRP A 175 -0.97 -4.90 -27.91
C TRP A 175 -0.08 -5.71 -26.98
N GLY A 176 -0.72 -6.38 -26.00
CA GLY A 176 0.00 -7.28 -25.12
C GLY A 176 -0.92 -8.30 -24.51
N ILE A 177 -0.29 -9.26 -23.82
CA ILE A 177 -1.00 -10.32 -23.12
C ILE A 177 -1.35 -9.85 -21.71
N CYS A 178 -2.62 -9.98 -21.34
CA CYS A 178 -3.12 -9.45 -20.08
C CYS A 178 -2.57 -10.21 -18.87
N LEU A 179 -2.12 -9.45 -17.87
CA LEU A 179 -1.65 -10.00 -16.61
C LEU A 179 -2.77 -9.89 -15.58
N LYS A 180 -3.62 -10.88 -15.53
CA LYS A 180 -4.73 -10.87 -14.60
C LYS A 180 -4.45 -11.79 -13.42
N PRO A 181 -5.23 -11.69 -12.35
CA PRO A 181 -4.89 -12.46 -11.14
C PRO A 181 -5.21 -13.92 -11.34
N GLU A 182 -4.70 -14.80 -10.45
CA GLU A 182 -4.84 -16.27 -10.71
C GLU A 182 -5.01 -17.12 -9.43
N ASN A 183 -5.11 -18.44 -9.59
CA ASN A 183 -5.20 -19.35 -8.42
C ASN A 183 -3.95 -20.24 -8.40
N GLY A 184 -3.74 -21.03 -9.46
CA GLY A 184 -2.53 -21.88 -9.56
C GLY A 184 -1.34 -21.10 -10.09
N CYS A 185 -0.19 -21.76 -10.27
CA CYS A 185 0.95 -21.06 -10.84
C CYS A 185 1.22 -21.64 -12.23
N GLU A 186 0.25 -21.36 -13.11
CA GLU A 186 0.21 -21.95 -14.45
C GLU A 186 0.31 -20.85 -15.50
N ASP A 187 1.19 -21.08 -16.48
CA ASP A 187 1.24 -20.31 -17.72
C ASP A 187 1.74 -18.89 -17.48
N ASN A 188 1.28 -18.26 -16.40
CA ASN A 188 1.70 -16.91 -16.06
C ASN A 188 2.73 -16.87 -14.95
N TRP A 189 3.16 -18.04 -14.45
CA TRP A 189 3.94 -18.12 -13.22
C TRP A 189 4.88 -19.31 -13.28
N GLU A 190 5.59 -19.53 -12.17
CA GLU A 190 6.65 -20.53 -12.13
C GLU A 190 6.75 -21.05 -10.70
N LYS A 191 6.47 -22.34 -10.51
CA LYS A 191 6.58 -22.90 -9.19
C LYS A 191 8.05 -23.05 -8.82
N ASN A 192 8.33 -22.91 -7.53
CA ASN A 192 9.63 -23.24 -6.97
C ASN A 192 9.37 -23.69 -5.55
N GLU A 193 9.39 -25.02 -5.35
CA GLU A 193 8.95 -25.59 -4.07
C GLU A 193 9.92 -25.27 -2.94
N GLN A 194 11.22 -25.14 -3.24
CA GLN A 194 12.20 -24.92 -2.18
C GLN A 194 11.89 -23.65 -1.38
N PHE A 195 11.31 -22.65 -2.02
CA PHE A 195 11.03 -21.38 -1.38
C PHE A 195 9.55 -21.16 -1.08
N GLY A 196 8.68 -22.10 -1.45
CA GLY A 196 7.28 -21.99 -1.09
C GLY A 196 6.51 -20.92 -1.82
N SER A 197 6.93 -20.58 -3.03
CA SER A 197 6.39 -19.41 -3.71
C SER A 197 6.52 -19.57 -5.22
N CYS A 198 5.69 -18.85 -5.96
CA CYS A 198 5.78 -18.79 -7.41
C CYS A 198 6.33 -17.44 -7.86
N TYR A 199 7.09 -17.45 -8.96
CA TYR A 199 7.80 -16.29 -9.45
C TYR A 199 7.28 -15.93 -10.83
N GLN A 200 7.15 -14.63 -11.09
CA GLN A 200 6.76 -14.13 -12.40
C GLN A 200 7.81 -13.15 -12.89
N PHE A 201 8.40 -13.45 -14.04
CA PHE A 201 9.58 -12.75 -14.53
C PHE A 201 9.20 -11.93 -15.74
N ASN A 202 8.79 -10.68 -15.52
CA ASN A 202 8.29 -9.85 -16.62
C ASN A 202 9.49 -9.22 -17.34
N THR A 203 10.06 -10.03 -18.23
CA THR A 203 11.45 -9.88 -18.66
C THR A 203 11.60 -8.72 -19.63
N GLN A 204 10.71 -8.61 -20.61
CA GLN A 204 10.81 -7.52 -21.58
C GLN A 204 9.66 -6.55 -21.28
N THR A 205 9.85 -5.77 -20.21
CA THR A 205 8.89 -4.77 -19.78
C THR A 205 9.62 -3.55 -19.28
N ALA A 206 8.88 -2.42 -19.27
CA ALA A 206 9.43 -1.10 -19.01
C ALA A 206 8.46 -0.37 -18.07
N LEU A 207 8.53 -0.68 -16.78
CA LEU A 207 7.63 -0.09 -15.80
C LEU A 207 8.40 0.69 -14.74
N SER A 208 7.82 1.79 -14.29
CA SER A 208 8.37 2.44 -13.11
C SER A 208 8.13 1.56 -11.89
N TRP A 209 8.84 1.88 -10.81
CA TRP A 209 8.69 1.04 -9.64
C TRP A 209 7.26 1.07 -9.12
N LYS A 210 6.57 2.21 -9.25
CA LYS A 210 5.20 2.27 -8.76
C LYS A 210 4.24 1.51 -9.68
N GLU A 211 4.40 1.65 -11.01
CA GLU A 211 3.62 0.83 -11.92
C GLU A 211 3.84 -0.65 -11.63
N ALA A 212 5.10 -1.03 -11.34
CA ALA A 212 5.43 -2.43 -11.07
C ALA A 212 4.76 -2.92 -9.79
N TYR A 213 4.86 -2.15 -8.71
CA TYR A 213 4.14 -2.49 -7.49
C TYR A 213 2.67 -2.78 -7.79
N VAL A 214 2.04 -1.95 -8.63
CA VAL A 214 0.60 -2.09 -8.86
C VAL A 214 0.30 -3.34 -9.68
N SER A 215 1.19 -3.69 -10.61
CA SER A 215 0.91 -4.85 -11.44
C SER A 215 1.04 -6.16 -10.67
N CYS A 216 1.89 -6.22 -9.64
CA CYS A 216 1.88 -7.43 -8.83
C CYS A 216 0.71 -7.41 -7.85
N GLN A 217 0.35 -6.21 -7.39
CA GLN A 217 -0.72 -6.07 -6.42
C GLN A 217 -2.07 -6.48 -7.04
N ASN A 218 -2.28 -6.09 -8.29
CA ASN A 218 -3.48 -6.49 -9.00
C ASN A 218 -3.50 -7.99 -9.26
N GLN A 219 -2.33 -8.58 -9.53
CA GLN A 219 -2.32 -10.04 -9.67
C GLN A 219 -2.45 -10.80 -8.35
N GLY A 220 -2.72 -10.18 -7.21
CA GLY A 220 -2.66 -10.87 -5.93
C GLY A 220 -1.27 -11.29 -5.47
N ALA A 221 -0.22 -10.57 -5.87
CA ALA A 221 1.14 -10.94 -5.52
C ALA A 221 1.88 -9.73 -4.98
N ASP A 222 3.21 -9.80 -4.95
CA ASP A 222 4.03 -8.72 -4.45
C ASP A 222 5.23 -8.57 -5.35
N LEU A 223 5.92 -7.44 -5.21
CA LEU A 223 7.24 -7.36 -5.81
C LEU A 223 8.17 -8.29 -5.03
N LEU A 224 9.13 -8.85 -5.75
CA LEU A 224 10.09 -9.77 -5.18
C LEU A 224 10.71 -9.23 -3.89
N SER A 225 10.71 -10.05 -2.84
CA SER A 225 11.59 -9.83 -1.70
C SER A 225 12.56 -11.01 -1.67
N ILE A 226 13.83 -10.73 -1.37
CA ILE A 226 14.87 -11.75 -1.28
C ILE A 226 15.25 -11.94 0.18
N ASN A 227 15.02 -13.14 0.69
CA ASN A 227 15.09 -13.35 2.14
C ASN A 227 16.25 -14.21 2.61
N SER A 228 17.15 -14.62 1.73
CA SER A 228 18.15 -15.60 2.08
C SER A 228 19.17 -15.68 0.96
N ALA A 229 20.36 -16.19 1.30
CA ALA A 229 21.39 -16.37 0.30
C ALA A 229 21.00 -17.40 -0.74
N ALA A 230 20.23 -18.42 -0.34
CA ALA A 230 19.76 -19.39 -1.33
C ALA A 230 18.87 -18.70 -2.35
N GLU A 231 17.85 -17.99 -1.86
CA GLU A 231 16.97 -17.18 -2.71
C GLU A 231 17.78 -16.30 -3.64
N LEU A 232 18.81 -15.63 -3.11
CA LEU A 232 19.63 -14.76 -3.94
C LEU A 232 20.34 -15.55 -5.02
N THR A 233 20.89 -16.71 -4.64
CA THR A 233 21.69 -17.50 -5.58
C THR A 233 20.82 -18.11 -6.67
N TYR A 234 19.61 -18.56 -6.30
CA TYR A 234 18.61 -18.94 -7.28
C TYR A 234 18.45 -17.85 -8.35
N LEU A 235 18.18 -16.61 -7.92
CA LEU A 235 17.88 -15.56 -8.90
C LEU A 235 19.09 -15.22 -9.76
N LYS A 236 20.30 -15.23 -9.18
CA LYS A 236 21.54 -14.95 -9.94
C LYS A 236 21.74 -15.93 -11.07
N GLU A 237 21.57 -17.22 -10.79
CA GLU A 237 21.85 -18.25 -11.78
C GLU A 237 20.69 -18.54 -12.71
N LYS A 238 19.51 -17.98 -12.46
CA LYS A 238 18.40 -18.19 -13.37
C LYS A 238 18.77 -17.71 -14.76
N GLU A 239 18.30 -18.44 -15.77
CA GLU A 239 18.63 -18.20 -17.16
C GLU A 239 17.39 -17.71 -17.89
N GLY A 240 17.56 -16.65 -18.69
CA GLY A 240 16.51 -16.18 -19.56
C GLY A 240 15.62 -15.10 -18.98
N ILE A 241 16.04 -14.46 -17.91
CA ILE A 241 15.33 -13.35 -17.30
C ILE A 241 16.22 -12.11 -17.38
N ALA A 242 15.61 -10.94 -17.21
CA ALA A 242 16.30 -9.67 -17.35
C ALA A 242 17.61 -9.64 -16.56
N LYS A 243 18.56 -8.87 -17.08
CA LYS A 243 19.79 -8.61 -16.34
C LYS A 243 19.60 -7.61 -15.20
N ILE A 244 18.65 -6.66 -15.35
CA ILE A 244 18.34 -5.70 -14.30
C ILE A 244 16.83 -5.60 -14.16
N PHE A 245 16.33 -5.78 -12.94
CA PHE A 245 14.89 -5.71 -12.73
C PHE A 245 14.56 -5.08 -11.38
N TRP A 246 13.36 -4.50 -11.31
CA TRP A 246 12.86 -3.98 -10.05
C TRP A 246 12.71 -5.08 -9.00
N ILE A 247 12.98 -4.77 -7.74
CA ILE A 247 12.61 -5.63 -6.64
C ILE A 247 11.82 -4.78 -5.65
N GLY A 248 11.16 -5.43 -4.69
CA GLY A 248 10.28 -4.73 -3.78
C GLY A 248 10.95 -3.95 -2.66
N LEU A 249 12.29 -3.92 -2.63
CA LEU A 249 13.01 -3.15 -1.61
C LEU A 249 12.92 -1.65 -1.92
N ASN A 250 12.50 -0.85 -0.93
CA ASN A 250 12.06 0.50 -1.23
C ASN A 250 12.07 1.34 0.03
N GLN A 251 12.33 2.64 -0.15
CA GLN A 251 12.29 3.63 0.92
C GLN A 251 11.21 4.67 0.68
N LEU A 252 10.28 4.39 -0.23
CA LEU A 252 9.20 5.28 -0.64
C LEU A 252 7.97 5.11 0.22
N TYR A 253 7.47 3.88 0.34
CA TYR A 253 6.23 3.59 1.06
C TYR A 253 6.46 3.34 2.54
N SER A 254 7.65 3.55 3.04
CA SER A 254 7.90 3.31 4.45
C SER A 254 7.67 4.60 5.21
N ALA A 255 7.44 4.48 6.51
CA ALA A 255 7.41 5.68 7.33
C ALA A 255 8.76 6.37 7.26
N ARG A 256 9.84 5.58 7.32
CA ARG A 256 11.21 5.98 7.05
C ARG A 256 12.05 4.72 6.98
N GLY A 257 13.17 4.80 6.27
CA GLY A 257 14.09 3.68 6.18
C GLY A 257 13.67 2.66 5.14
N TRP A 258 14.62 1.83 4.71
CA TRP A 258 14.33 0.88 3.65
C TRP A 258 13.46 -0.26 4.18
N GLU A 259 12.60 -0.79 3.30
CA GLU A 259 11.72 -1.89 3.64
C GLU A 259 11.45 -2.73 2.40
N TRP A 260 10.92 -3.94 2.63
CA TRP A 260 10.35 -4.76 1.57
C TRP A 260 8.89 -4.40 1.41
N SER A 261 8.46 -4.14 0.18
CA SER A 261 7.07 -3.76 -0.02
C SER A 261 6.11 -4.80 0.53
N ASP A 262 6.50 -6.09 0.50
CA ASP A 262 5.62 -7.11 1.06
C ASP A 262 5.69 -7.25 2.58
N HIS A 263 6.45 -6.41 3.27
CA HIS A 263 6.57 -6.34 4.75
C HIS A 263 7.33 -7.51 5.35
N LYS A 264 7.94 -8.35 4.53
CA LYS A 264 8.93 -9.26 5.06
C LYS A 264 10.07 -8.46 5.69
N PRO A 265 10.63 -8.93 6.79
CA PRO A 265 11.75 -8.20 7.41
C PRO A 265 12.90 -7.99 6.43
N LEU A 266 13.58 -6.85 6.58
CA LEU A 266 14.78 -6.57 5.79
C LEU A 266 15.97 -6.95 6.68
N ASN A 267 16.37 -8.22 6.59
CA ASN A 267 17.55 -8.70 7.27
C ASN A 267 18.58 -9.35 6.35
N PHE A 268 18.19 -9.76 5.15
CA PHE A 268 19.14 -10.24 4.16
C PHE A 268 19.42 -9.10 3.19
N LEU A 269 20.65 -8.62 3.16
CA LEU A 269 20.97 -7.53 2.24
C LEU A 269 22.14 -7.85 1.32
N ASN A 270 22.15 -7.16 0.18
CA ASN A 270 23.22 -7.33 -0.79
C ASN A 270 23.41 -6.04 -1.58
N TRP A 271 23.66 -4.96 -0.84
CA TRP A 271 23.83 -3.63 -1.43
C TRP A 271 25.04 -3.57 -2.36
N ASP A 272 24.82 -3.03 -3.55
CA ASP A 272 25.92 -2.60 -4.42
C ASP A 272 26.54 -1.35 -3.82
N PRO A 273 27.84 -1.34 -3.51
CA PRO A 273 28.45 -0.15 -2.91
C PRO A 273 28.36 1.11 -3.77
N ASP A 274 28.24 0.96 -5.10
CA ASP A 274 28.13 2.13 -5.99
C ASP A 274 26.79 2.85 -5.85
N ARG A 275 25.71 2.12 -5.55
CA ARG A 275 24.37 2.69 -5.40
C ARG A 275 23.78 2.10 -4.13
N PRO A 276 24.30 2.53 -2.95
CA PRO A 276 23.96 1.90 -1.69
C PRO A 276 22.74 2.46 -0.95
N SER A 277 22.45 1.97 0.24
CA SER A 277 21.47 2.54 1.15
C SER A 277 21.30 4.04 1.28
N ALA A 278 22.40 4.77 1.42
CA ALA A 278 22.37 6.22 1.28
C ALA A 278 22.58 6.49 -0.20
N PRO A 279 21.56 6.90 -0.94
CA PRO A 279 21.69 6.96 -2.40
C PRO A 279 22.63 8.08 -2.84
N THR A 280 23.39 7.79 -3.89
CA THR A 280 24.31 8.78 -4.44
C THR A 280 23.54 9.94 -5.05
N ILE A 281 22.75 9.65 -6.09
CA ILE A 281 21.76 10.57 -6.63
C ILE A 281 20.66 10.78 -5.59
N GLY A 282 20.58 11.99 -5.05
CA GLY A 282 19.74 12.22 -3.89
C GLY A 282 18.28 12.13 -4.25
N GLY A 283 17.51 11.37 -3.46
CA GLY A 283 16.10 11.15 -3.69
C GLY A 283 15.75 9.81 -4.34
N SER A 284 16.74 9.05 -4.78
CA SER A 284 16.43 7.73 -5.33
C SER A 284 15.93 6.82 -4.21
N SER A 285 14.67 6.41 -4.29
CA SER A 285 13.99 5.77 -3.18
C SER A 285 13.52 4.36 -3.49
N CYS A 286 13.84 3.82 -4.66
CA CYS A 286 13.57 2.44 -5.01
C CYS A 286 14.88 1.68 -5.25
N ALA A 287 14.78 0.39 -5.40
CA ALA A 287 15.95 -0.46 -5.53
C ALA A 287 15.66 -1.53 -6.56
N ARG A 288 16.66 -1.78 -7.41
CA ARG A 288 16.63 -2.78 -8.46
C ARG A 288 17.70 -3.82 -8.16
N MET A 289 17.65 -4.92 -8.90
CA MET A 289 18.68 -5.94 -8.81
C MET A 289 19.41 -6.06 -10.13
N ASP A 290 20.70 -6.36 -10.03
CA ASP A 290 21.55 -6.70 -11.15
C ASP A 290 21.77 -8.20 -11.08
N ALA A 291 21.06 -8.95 -11.91
CA ALA A 291 21.13 -10.41 -11.84
C ALA A 291 22.48 -10.97 -12.29
N GLU A 292 23.35 -10.16 -12.90
CA GLU A 292 24.72 -10.58 -13.16
C GLU A 292 25.68 -10.51 -11.99
N SER A 293 25.81 -9.31 -11.39
CA SER A 293 26.56 -9.16 -10.15
C SER A 293 25.80 -9.69 -8.95
N GLY A 294 24.46 -9.75 -9.02
CA GLY A 294 23.64 -10.06 -7.88
C GLY A 294 23.44 -8.93 -6.89
N LEU A 295 23.92 -7.74 -7.17
CA LEU A 295 23.87 -6.68 -6.17
C LEU A 295 22.59 -5.86 -6.32
N TRP A 296 22.26 -5.14 -5.25
CA TRP A 296 21.07 -4.30 -5.19
C TRP A 296 21.46 -2.83 -5.24
N GLN A 297 20.89 -2.09 -6.18
CA GLN A 297 21.21 -0.67 -6.36
C GLN A 297 20.01 0.21 -6.10
N SER A 298 20.20 1.26 -5.31
CA SER A 298 19.17 2.27 -5.19
C SER A 298 19.10 3.06 -6.49
N PHE A 299 17.89 3.44 -6.88
CA PHE A 299 17.64 3.96 -8.22
C PHE A 299 16.40 4.84 -8.21
N SER A 300 16.32 5.74 -9.18
CA SER A 300 15.15 6.60 -9.30
C SER A 300 13.90 5.77 -9.54
N CYS A 301 12.87 5.99 -8.71
CA CYS A 301 11.66 5.18 -8.78
C CYS A 301 10.95 5.33 -10.12
N GLU A 302 11.35 6.27 -10.97
CA GLU A 302 10.61 6.53 -12.19
C GLU A 302 11.23 5.87 -13.41
N ALA A 303 12.42 5.30 -13.26
CA ALA A 303 13.01 4.56 -14.36
C ALA A 303 12.09 3.41 -14.78
N GLN A 304 11.94 3.23 -16.10
CA GLN A 304 11.18 2.11 -16.64
C GLN A 304 12.11 0.91 -16.79
N LEU A 305 11.88 -0.12 -16.00
CA LEU A 305 12.70 -1.32 -15.97
C LEU A 305 11.79 -2.53 -16.04
N PRO A 306 12.36 -3.74 -16.20
CA PRO A 306 11.57 -4.96 -16.00
C PRO A 306 11.31 -5.21 -14.52
N TYR A 307 10.53 -6.23 -14.17
CA TYR A 307 10.23 -6.45 -12.76
C TYR A 307 9.80 -7.90 -12.56
N VAL A 308 9.68 -8.28 -11.29
CA VAL A 308 9.42 -9.65 -10.92
C VAL A 308 8.37 -9.64 -9.82
N CYS A 309 7.30 -10.39 -10.01
CA CYS A 309 6.30 -10.61 -8.98
C CYS A 309 6.51 -11.98 -8.32
N ARG A 310 5.94 -12.13 -7.13
CA ARG A 310 6.05 -13.37 -6.38
C ARG A 310 4.86 -13.47 -5.44
N LYS A 311 4.39 -14.70 -5.24
CA LYS A 311 3.28 -14.97 -4.33
C LYS A 311 3.51 -16.34 -3.69
N PRO A 312 2.85 -16.62 -2.55
CA PRO A 312 3.05 -17.94 -1.91
C PRO A 312 2.13 -19.01 -2.46
N LEU A 313 2.08 -20.13 -1.76
CA LEU A 313 1.02 -21.14 -1.85
C LEU A 313 0.45 -21.31 -0.45
N ASN A 314 -0.44 -22.27 -0.25
CA ASN A 314 -1.11 -22.36 1.04
C ASN A 314 -1.18 -23.81 1.54
N ASN A 315 -1.22 -23.94 2.86
CA ASN A 315 -1.10 -25.28 3.49
C ASN A 315 -2.33 -26.17 3.31
N THR A 316 -2.21 -27.43 3.74
CA THR A 316 -3.33 -28.39 3.55
C THR A 316 -3.66 -29.07 4.89
N TYR A 325 0.56 -14.21 32.67
CA TYR A 325 0.77 -13.35 31.48
C TYR A 325 0.54 -11.89 31.87
N SER A 326 -0.43 -11.64 32.77
CA SER A 326 -0.81 -10.25 33.11
C SER A 326 0.39 -9.37 33.48
N ASP A 327 1.16 -9.79 34.47
CA ASP A 327 2.39 -9.03 34.85
C ASP A 327 3.51 -10.06 34.86
N THR A 328 4.73 -9.65 35.25
CA THR A 328 5.85 -10.64 35.18
C THR A 328 6.86 -10.32 36.26
N ARG A 329 7.15 -11.33 37.02
CA ARG A 329 8.15 -11.25 38.07
C ARG A 329 9.50 -11.03 37.41
N CYS A 330 10.16 -9.90 37.72
CA CYS A 330 11.56 -9.66 37.38
C CYS A 330 12.33 -9.32 38.65
N ASP A 331 13.62 -9.61 38.61
CA ASP A 331 14.48 -9.21 39.74
C ASP A 331 14.49 -7.69 39.73
N ALA A 332 14.69 -7.08 40.89
CA ALA A 332 14.66 -5.61 40.99
C ALA A 332 15.64 -5.02 40.02
N GLY A 333 15.39 -3.77 39.70
CA GLY A 333 16.18 -3.06 38.71
C GLY A 333 15.75 -3.35 37.28
N TRP A 334 15.43 -4.62 36.99
CA TRP A 334 14.99 -4.95 35.64
C TRP A 334 13.55 -4.50 35.45
N LEU A 335 13.21 -4.24 34.18
CA LEU A 335 11.87 -3.76 33.82
C LEU A 335 11.05 -4.90 33.25
N PRO A 336 9.87 -5.17 33.80
CA PRO A 336 9.04 -6.25 33.26
C PRO A 336 8.27 -5.81 32.03
N ASN A 337 8.10 -6.77 31.12
CA ASN A 337 7.34 -6.53 29.89
C ASN A 337 7.09 -7.85 29.17
N ASN A 338 5.82 -8.18 28.92
CA ASN A 338 5.40 -9.51 28.44
C ASN A 338 6.03 -10.52 29.40
N GLY A 339 6.66 -11.58 28.90
CA GLY A 339 7.30 -12.51 29.81
C GLY A 339 8.79 -12.31 29.83
N PHE A 340 9.24 -11.06 29.72
CA PHE A 340 10.65 -10.77 29.60
C PHE A 340 11.01 -9.57 30.47
N CYS A 341 12.32 -9.40 30.68
CA CYS A 341 12.86 -8.43 31.62
C CYS A 341 14.01 -7.69 30.95
N TYR A 342 14.04 -6.37 31.14
CA TYR A 342 14.99 -5.52 30.46
C TYR A 342 15.79 -4.72 31.47
N LEU A 343 17.09 -4.64 31.24
CA LEU A 343 17.97 -3.80 32.05
C LEU A 343 18.94 -3.05 31.14
N LEU A 344 19.02 -1.73 31.32
CA LEU A 344 19.85 -0.87 30.49
C LEU A 344 21.16 -0.61 31.21
N VAL A 345 22.26 -1.07 30.62
CA VAL A 345 23.59 -0.83 31.16
C VAL A 345 24.02 0.57 30.77
N ASN A 346 24.30 1.44 31.74
CA ASN A 346 24.82 2.79 31.40
C ASN A 346 26.30 2.74 31.06
N GLU A 347 26.98 1.69 31.49
CA GLU A 347 28.44 1.67 31.34
C GLU A 347 28.77 1.31 29.91
N SER A 348 29.04 2.35 29.12
CA SER A 348 29.32 2.20 27.70
C SER A 348 30.32 1.07 27.49
N ASN A 349 30.14 0.34 26.40
CA ASN A 349 31.12 -0.69 26.09
C ASN A 349 30.87 -1.15 24.65
N SER A 350 31.84 -1.87 24.09
CA SER A 350 31.71 -2.33 22.71
C SER A 350 30.67 -3.43 22.62
N TRP A 351 30.50 -4.01 21.41
CA TRP A 351 29.42 -4.98 21.23
C TRP A 351 29.76 -6.32 21.88
N ASP A 352 30.83 -6.98 21.40
CA ASP A 352 31.22 -8.26 21.99
C ASP A 352 31.36 -8.15 23.49
N LYS A 353 31.97 -7.06 23.96
CA LYS A 353 32.03 -6.85 25.39
C LYS A 353 30.64 -6.76 26.00
N ALA A 354 29.73 -6.02 25.35
CA ALA A 354 28.37 -5.86 25.88
C ALA A 354 27.61 -7.18 25.90
N HIS A 355 27.69 -7.95 24.81
CA HIS A 355 27.16 -9.30 24.78
C HIS A 355 27.60 -10.07 26.02
N ALA A 356 28.91 -10.07 26.27
CA ALA A 356 29.52 -10.85 27.36
C ALA A 356 28.99 -10.44 28.72
N LYS A 357 28.73 -9.14 28.89
CA LYS A 357 28.12 -8.68 30.17
C LYS A 357 26.70 -9.25 30.29
N CYS A 358 25.92 -9.20 29.22
CA CYS A 358 24.54 -9.77 29.27
C CYS A 358 24.63 -11.27 29.55
N LYS A 359 25.55 -12.01 28.89
CA LYS A 359 25.69 -13.41 29.27
C LYS A 359 26.01 -13.54 30.77
N ALA A 360 26.88 -12.66 31.30
CA ALA A 360 27.19 -12.61 32.73
C ALA A 360 26.02 -12.15 33.58
N PHE A 361 24.95 -11.66 32.98
CA PHE A 361 23.71 -11.36 33.69
C PHE A 361 22.71 -12.48 33.50
N SER A 362 23.15 -13.61 32.94
CA SER A 362 22.28 -14.74 32.62
C SER A 362 21.16 -14.35 31.69
N SER A 363 21.34 -13.22 30.97
CA SER A 363 20.47 -12.79 29.89
C SER A 363 21.24 -12.78 28.58
N ASP A 364 20.72 -12.04 27.59
CA ASP A 364 21.40 -11.83 26.32
C ASP A 364 21.15 -10.38 25.92
N LEU A 365 21.72 -9.97 24.78
CA LEU A 365 21.43 -8.64 24.27
C LEU A 365 20.01 -8.63 23.68
N ILE A 366 19.27 -7.55 23.96
CA ILE A 366 17.84 -7.51 23.70
C ILE A 366 17.56 -7.84 22.24
N SER A 367 16.54 -8.68 22.02
CA SER A 367 15.94 -8.90 20.71
C SER A 367 14.58 -8.25 20.71
N ILE A 368 14.28 -7.47 19.67
CA ILE A 368 13.08 -6.66 19.60
C ILE A 368 12.18 -7.22 18.52
N HIS A 369 10.92 -7.47 18.86
CA HIS A 369 10.04 -8.20 17.94
C HIS A 369 8.74 -7.48 17.63
N SER A 370 8.57 -6.23 18.05
CA SER A 370 7.32 -5.51 17.88
C SER A 370 7.51 -4.04 18.23
N LEU A 371 6.73 -3.18 17.58
CA LEU A 371 6.72 -1.78 17.94
C LEU A 371 6.37 -1.59 19.40
N ALA A 372 5.48 -2.44 19.93
CA ALA A 372 5.24 -2.49 21.36
C ALA A 372 6.55 -2.56 22.12
N ASP A 373 7.40 -3.53 21.77
CA ASP A 373 8.74 -3.60 22.35
C ASP A 373 9.48 -2.28 22.19
N VAL A 374 9.64 -1.81 20.95
CA VAL A 374 10.40 -0.58 20.73
C VAL A 374 9.92 0.51 21.66
N GLU A 375 8.60 0.63 21.81
CA GLU A 375 8.06 1.67 22.68
C GLU A 375 8.50 1.49 24.12
N VAL A 376 8.61 0.26 24.60
CA VAL A 376 8.91 0.14 26.02
C VAL A 376 10.38 0.48 26.28
N VAL A 377 11.27 0.19 25.35
CA VAL A 377 12.68 0.48 25.62
C VAL A 377 12.94 1.97 25.50
N VAL A 378 12.14 2.67 24.68
CA VAL A 378 12.43 4.08 24.45
C VAL A 378 11.76 4.96 25.49
N THR A 379 10.63 4.54 26.05
CA THR A 379 9.91 5.39 26.98
C THR A 379 10.09 5.00 28.43
N LYS A 380 10.60 3.79 28.71
CA LYS A 380 10.66 3.27 30.08
C LYS A 380 12.09 3.16 30.59
N LEU A 381 12.93 2.32 29.97
CA LEU A 381 14.33 2.16 30.42
C LEU A 381 15.05 3.49 30.61
N HIS A 382 14.93 4.36 29.60
CA HIS A 382 15.79 5.52 29.38
C HIS A 382 14.98 6.55 28.63
N ASN A 383 15.28 7.84 28.85
CA ASN A 383 14.53 8.88 28.12
C ASN A 383 15.33 10.14 27.79
N GLU A 384 16.50 10.31 28.42
CA GLU A 384 17.24 11.59 28.24
C GLU A 384 18.16 11.52 27.02
N ASP A 385 19.36 10.97 27.20
CA ASP A 385 20.34 10.93 26.08
C ASP A 385 19.75 10.13 24.92
N ILE A 386 18.85 10.75 24.15
CA ILE A 386 18.29 10.10 22.94
C ILE A 386 19.36 10.18 21.86
N LYS A 387 20.28 11.14 21.98
CA LYS A 387 21.29 11.30 20.93
C LYS A 387 22.38 10.22 20.94
N GLU A 388 22.56 9.51 22.06
CA GLU A 388 23.51 8.40 22.08
C GLU A 388 22.83 7.13 21.60
N GLU A 389 23.54 6.42 20.73
CA GLU A 389 23.09 5.12 20.27
C GLU A 389 23.13 4.11 21.41
N VAL A 390 22.27 3.08 21.33
CA VAL A 390 22.22 1.99 22.30
C VAL A 390 22.30 0.66 21.55
N TRP A 391 23.16 -0.23 22.03
CA TRP A 391 23.37 -1.51 21.38
C TRP A 391 22.15 -2.42 21.48
N ILE A 392 21.96 -3.22 20.44
CA ILE A 392 20.85 -4.15 20.27
C ILE A 392 21.47 -5.47 19.83
N GLY A 393 20.76 -6.56 20.07
CA GLY A 393 21.35 -7.87 19.82
C GLY A 393 21.83 -8.14 18.41
N LEU A 394 21.37 -7.36 17.44
CA LEU A 394 21.25 -7.67 16.02
C LEU A 394 22.61 -7.50 15.36
N LYS A 395 23.06 -8.52 14.61
CA LYS A 395 24.41 -8.50 14.11
C LYS A 395 24.52 -9.41 12.91
N ASN A 396 25.40 -9.05 11.97
CA ASN A 396 25.71 -9.85 10.81
C ASN A 396 27.17 -10.27 10.84
N ILE A 397 27.47 -11.48 10.36
CA ILE A 397 28.87 -11.87 10.14
C ILE A 397 29.08 -12.45 8.75
N ASN A 398 28.11 -12.31 7.86
CA ASN A 398 28.16 -12.97 6.57
C ASN A 398 28.26 -11.98 5.42
N ILE A 399 28.62 -12.53 4.25
CA ILE A 399 28.56 -11.85 2.97
C ILE A 399 27.91 -12.83 1.99
N PRO A 400 26.70 -12.56 1.50
CA PRO A 400 25.91 -11.34 1.69
C PRO A 400 25.38 -11.21 3.10
N THR A 401 24.90 -10.02 3.45
CA THR A 401 24.51 -9.68 4.82
C THR A 401 23.33 -10.52 5.31
N LEU A 402 23.35 -10.82 6.60
CA LEU A 402 22.23 -11.54 7.21
C LEU A 402 22.25 -11.16 8.69
N PHE A 403 21.50 -10.12 9.04
CA PHE A 403 21.41 -9.77 10.45
C PHE A 403 20.63 -10.84 11.19
N GLN A 404 21.09 -11.15 12.40
CA GLN A 404 20.47 -12.16 13.22
C GLN A 404 20.49 -11.72 14.67
N TRP A 405 19.64 -12.33 15.47
CA TRP A 405 19.64 -11.96 16.87
C TRP A 405 20.63 -12.84 17.62
N SER A 406 21.24 -12.27 18.67
CA SER A 406 22.21 -13.05 19.42
C SER A 406 21.55 -14.21 20.14
N ASP A 407 20.23 -14.13 20.39
CA ASP A 407 19.52 -15.19 21.05
C ASP A 407 18.75 -16.09 20.08
N GLY A 408 19.14 -16.11 18.81
CA GLY A 408 18.61 -17.08 17.88
C GLY A 408 17.11 -17.01 17.59
N THR A 409 16.41 -16.10 18.25
CA THR A 409 15.02 -15.86 17.94
C THR A 409 14.87 -15.26 16.55
N GLU A 410 13.75 -15.55 15.90
CA GLU A 410 13.59 -15.20 14.50
C GLU A 410 13.45 -13.69 14.32
N VAL A 411 13.98 -13.22 13.20
CA VAL A 411 13.97 -11.80 12.86
C VAL A 411 12.59 -11.50 12.27
N THR A 412 11.74 -10.85 13.08
CA THR A 412 10.36 -10.53 12.62
C THR A 412 10.29 -9.05 12.23
N LEU A 413 10.76 -8.17 13.11
CA LEU A 413 10.66 -6.70 12.85
C LEU A 413 12.05 -6.13 12.62
N THR A 414 12.24 -5.39 11.51
CA THR A 414 13.52 -4.70 11.28
C THR A 414 13.26 -3.21 11.11
N TYR A 415 13.44 -2.44 12.19
CA TYR A 415 12.92 -1.08 12.32
C TYR A 415 13.99 -0.06 11.92
N TRP A 416 14.38 -0.11 10.65
CA TRP A 416 15.48 0.73 10.15
C TRP A 416 15.13 2.21 10.08
N ASP A 417 16.08 3.05 10.48
CA ASP A 417 16.05 4.50 10.29
C ASP A 417 16.28 4.87 8.83
N GLU A 418 16.14 6.16 8.53
CA GLU A 418 16.30 6.63 7.16
C GLU A 418 17.70 6.34 6.64
N ASN A 419 17.77 5.86 5.42
CA ASN A 419 19.01 5.39 4.78
C ASN A 419 19.65 4.22 5.52
N GLU A 420 18.96 3.64 6.46
CA GLU A 420 19.44 2.38 6.96
C GLU A 420 18.69 1.23 6.33
N PRO A 421 19.23 0.00 6.38
CA PRO A 421 20.52 -0.42 6.94
C PRO A 421 21.68 -0.20 5.99
N ASN A 422 22.59 0.65 6.44
CA ASN A 422 23.81 1.03 5.72
C ASN A 422 24.87 -0.03 5.97
N VAL A 423 24.98 -1.02 5.08
CA VAL A 423 26.05 -1.99 5.32
C VAL A 423 27.28 -1.49 4.57
N PRO A 424 28.43 -1.49 5.22
CA PRO A 424 29.70 -1.33 4.49
C PRO A 424 29.94 -2.50 3.57
N TYR A 425 30.73 -2.26 2.52
CA TYR A 425 31.04 -3.29 1.54
C TYR A 425 32.24 -4.13 1.96
N ASN A 426 32.09 -5.46 1.80
CA ASN A 426 33.16 -6.43 2.12
C ASN A 426 33.77 -6.20 3.50
N LYS A 427 32.93 -5.94 4.50
CA LYS A 427 33.46 -5.48 5.79
C LYS A 427 32.56 -5.96 6.95
N THR A 428 32.72 -7.29 7.36
CA THR A 428 32.02 -7.88 8.49
C THR A 428 32.90 -7.86 9.74
N PRO A 429 32.35 -7.86 10.97
CA PRO A 429 30.95 -8.00 11.39
C PRO A 429 30.20 -6.66 11.38
N ASN A 430 28.88 -6.70 11.33
CA ASN A 430 28.07 -5.49 11.26
C ASN A 430 27.06 -5.53 12.39
N CYS A 431 27.10 -4.51 13.25
CA CYS A 431 26.29 -4.46 14.46
C CYS A 431 25.23 -3.37 14.31
N VAL A 432 24.24 -3.38 15.20
CA VAL A 432 23.05 -2.54 15.02
C VAL A 432 22.69 -1.88 16.35
N SER A 433 22.45 -0.58 16.32
CA SER A 433 22.08 0.18 17.50
C SER A 433 20.82 0.97 17.22
N TYR A 434 20.26 1.56 18.28
CA TYR A 434 19.06 2.37 18.16
C TYR A 434 19.29 3.76 18.75
N LEU A 435 18.70 4.77 18.12
CA LEU A 435 18.80 6.15 18.59
C LEU A 435 17.62 6.92 18.03
N GLY A 436 17.41 8.12 18.58
CA GLY A 436 16.39 9.01 18.08
C GLY A 436 15.05 8.84 18.78
N GLU A 437 14.12 9.73 18.41
CA GLU A 437 12.86 9.84 19.13
C GLU A 437 12.05 8.56 19.08
N LEU A 438 12.28 7.72 18.06
CA LEU A 438 11.41 6.58 17.81
C LEU A 438 12.08 5.24 18.10
N GLY A 439 13.33 5.22 18.52
CA GLY A 439 13.96 3.94 18.77
C GLY A 439 14.44 3.25 17.52
N GLN A 440 14.63 4.00 16.45
CA GLN A 440 14.97 3.47 15.14
C GLN A 440 16.40 2.95 15.12
N TRP A 441 16.68 2.12 14.13
CA TRP A 441 17.88 1.31 14.07
C TRP A 441 18.84 1.75 12.97
N LYS A 442 20.13 1.76 13.26
CA LYS A 442 21.15 1.94 12.24
C LYS A 442 22.21 0.86 12.39
N VAL A 443 22.98 0.65 11.32
CA VAL A 443 24.15 -0.22 11.37
C VAL A 443 25.31 0.55 12.01
N GLN A 444 26.14 -0.14 12.80
CA GLN A 444 27.24 0.50 13.50
C GLN A 444 28.46 -0.39 13.52
N SER A 445 29.61 0.25 13.73
CA SER A 445 30.88 -0.44 13.92
C SER A 445 30.92 -1.11 15.29
N CYS A 446 31.13 -2.42 15.31
CA CYS A 446 30.97 -3.20 16.55
C CYS A 446 31.86 -2.74 17.70
N GLU A 447 32.83 -1.84 17.46
CA GLU A 447 33.71 -1.42 18.55
C GLU A 447 33.21 -0.20 19.29
N GLU A 448 32.19 0.47 18.79
CA GLU A 448 31.75 1.69 19.44
C GLU A 448 31.24 1.41 20.85
N LYS A 449 31.76 2.16 21.81
CA LYS A 449 31.37 1.94 23.20
C LYS A 449 30.06 2.69 23.41
N LEU A 450 28.97 1.94 23.36
CA LEU A 450 27.63 2.48 23.57
C LEU A 450 27.02 1.84 24.81
N LYS A 451 26.01 2.50 25.35
CA LYS A 451 25.14 1.79 26.28
C LYS A 451 24.50 0.61 25.56
N TYR A 452 23.85 -0.26 26.32
CA TYR A 452 23.20 -1.41 25.72
C TYR A 452 22.09 -1.89 26.64
N VAL A 453 21.36 -2.92 26.20
CA VAL A 453 20.22 -3.44 27.02
C VAL A 453 20.30 -4.97 27.09
N CYS A 454 20.09 -5.53 28.28
CA CYS A 454 20.10 -7.02 28.43
C CYS A 454 18.64 -7.51 28.51
N LYS A 455 18.34 -8.65 27.87
CA LYS A 455 16.94 -9.17 27.85
C LYS A 455 16.89 -10.55 28.50
N ARG A 456 16.07 -10.71 29.55
CA ARG A 456 15.98 -11.98 30.28
C ARG A 456 14.52 -12.35 30.52
N LYS A 457 14.25 -13.66 30.49
CA LYS A 457 12.91 -14.18 30.73
C LYS A 457 12.48 -13.94 32.18
N GLY A 458 11.22 -13.52 32.37
CA GLY A 458 10.64 -13.37 33.69
C GLY A 458 9.62 -14.42 34.07
N GLU A 459 8.53 -14.03 34.75
CA GLU A 459 7.43 -14.97 34.96
C GLU A 459 6.78 -15.24 33.61
N MET A 469 -10.73 -7.80 27.47
CA MET A 469 -10.62 -8.96 26.58
C MET A 469 -10.81 -8.53 25.12
N CYS A 470 -9.90 -8.98 24.26
CA CYS A 470 -9.87 -8.59 22.86
C CYS A 470 -10.00 -9.83 21.98
N PRO A 471 -11.23 -10.29 21.74
CA PRO A 471 -11.42 -11.50 20.92
C PRO A 471 -10.87 -11.28 19.52
N PRO A 472 -10.08 -12.21 19.01
CA PRO A 472 -9.57 -12.06 17.64
C PRO A 472 -10.64 -12.25 16.57
N ASP A 473 -11.84 -12.72 16.95
CA ASP A 473 -12.95 -12.83 16.01
C ASP A 473 -13.65 -11.50 15.84
N GLU A 474 -13.84 -10.77 16.94
CA GLU A 474 -14.46 -9.45 16.87
C GLU A 474 -13.66 -8.50 15.98
N GLY A 475 -12.39 -8.81 15.75
CA GLY A 475 -11.57 -8.10 14.79
C GLY A 475 -10.34 -7.50 15.41
N TRP A 476 -10.06 -7.85 16.67
CA TRP A 476 -9.09 -7.13 17.47
C TRP A 476 -7.66 -7.63 17.29
N LYS A 477 -6.72 -6.70 17.47
CA LYS A 477 -5.30 -6.88 17.26
C LYS A 477 -4.59 -6.24 18.44
N ARG A 478 -3.55 -6.92 18.95
CA ARG A 478 -2.92 -6.50 20.20
C ARG A 478 -1.71 -5.59 19.97
N HIS A 479 -1.67 -4.50 20.76
CA HIS A 479 -0.50 -3.60 20.75
C HIS A 479 -0.34 -3.16 22.20
N GLY A 480 0.44 -3.92 22.96
CA GLY A 480 0.60 -3.62 24.40
C GLY A 480 -0.73 -3.78 25.13
N GLU A 481 -1.13 -2.77 25.90
CA GLU A 481 -2.40 -2.84 26.66
C GLU A 481 -3.57 -2.56 25.70
N THR A 482 -3.48 -1.49 24.91
CA THR A 482 -4.60 -1.12 24.06
C THR A 482 -4.81 -2.14 22.94
N CYS A 483 -6.07 -2.35 22.56
CA CYS A 483 -6.40 -3.17 21.39
C CYS A 483 -6.99 -2.31 20.28
N TYR A 484 -6.75 -2.71 19.03
CA TYR A 484 -7.21 -1.97 17.85
C TYR A 484 -8.01 -2.89 16.94
N LYS A 485 -8.73 -2.28 16.00
CA LYS A 485 -9.60 -3.03 15.09
C LYS A 485 -9.89 -2.15 13.90
N ILE A 486 -9.92 -2.75 12.71
CA ILE A 486 -10.22 -2.03 11.47
C ILE A 486 -11.59 -2.47 10.98
N TYR A 487 -12.52 -1.52 10.92
CA TYR A 487 -13.84 -1.78 10.35
C TYR A 487 -13.73 -1.66 8.82
N GLU A 488 -14.08 -2.74 8.13
CA GLU A 488 -13.74 -2.94 6.72
C GLU A 488 -14.53 -2.08 5.73
N ASP A 489 -15.51 -1.29 6.15
CA ASP A 489 -16.35 -0.55 5.22
C ASP A 489 -16.04 0.94 5.30
N GLU A 490 -15.86 1.58 4.14
CA GLU A 490 -15.59 3.01 4.07
C GLU A 490 -16.85 3.80 4.38
N VAL A 491 -16.78 4.68 5.37
CA VAL A 491 -18.00 5.19 5.97
C VAL A 491 -17.75 6.64 6.39
N PRO A 492 -18.77 7.48 6.60
CA PRO A 492 -18.50 8.86 7.02
C PRO A 492 -17.86 8.95 8.39
N PHE A 493 -17.46 10.18 8.72
CA PHE A 493 -16.73 10.47 9.95
C PHE A 493 -17.60 10.19 11.18
N GLY A 494 -16.96 9.62 12.20
CA GLY A 494 -17.59 9.37 13.48
C GLY A 494 -18.39 8.09 13.56
N THR A 495 -18.62 7.43 12.43
CA THR A 495 -19.63 6.38 12.38
C THR A 495 -19.36 5.28 13.40
N ASN A 496 -18.11 4.87 13.51
CA ASN A 496 -17.75 3.82 14.45
C ASN A 496 -17.09 4.37 15.70
N CYS A 497 -16.21 5.35 15.56
CA CYS A 497 -15.49 5.86 16.72
C CYS A 497 -14.79 7.14 16.28
N ASN A 498 -14.18 7.81 17.26
CA ASN A 498 -13.41 9.02 17.04
C ASN A 498 -12.06 8.77 17.70
N LEU A 499 -11.09 8.30 16.90
CA LEU A 499 -9.82 7.76 17.39
C LEU A 499 -8.82 8.87 17.73
N THR A 500 -8.35 8.89 18.96
CA THR A 500 -7.38 9.89 19.40
C THR A 500 -5.97 9.31 19.30
N ILE A 501 -5.10 10.00 18.55
CA ILE A 501 -3.72 9.58 18.35
C ILE A 501 -2.84 10.36 19.34
N THR A 502 -2.36 9.66 20.36
CA THR A 502 -1.83 10.32 21.54
C THR A 502 -0.33 10.56 21.50
N SER A 503 0.43 9.85 20.66
CA SER A 503 1.88 9.95 20.68
C SER A 503 2.45 9.50 19.35
N ARG A 504 3.73 9.85 19.14
CA ARG A 504 4.46 9.40 17.96
C ARG A 504 4.51 7.88 17.87
N PHE A 505 4.52 7.21 19.02
CA PHE A 505 4.57 5.75 19.00
C PHE A 505 3.25 5.17 18.51
N GLU A 506 2.12 5.69 18.99
CA GLU A 506 0.84 5.18 18.50
C GLU A 506 0.73 5.35 16.99
N GLN A 507 1.15 6.52 16.49
CA GLN A 507 1.20 6.78 15.05
C GLN A 507 2.03 5.72 14.35
N GLU A 508 3.22 5.43 14.89
CA GLU A 508 4.09 4.44 14.28
C GLU A 508 3.41 3.08 14.21
N TYR A 509 2.67 2.70 15.24
CA TYR A 509 1.93 1.45 15.18
C TYR A 509 0.70 1.54 14.28
N LEU A 510 0.07 2.71 14.21
CA LEU A 510 -1.04 2.85 13.28
C LEU A 510 -0.57 2.73 11.84
N ASN A 511 0.61 3.26 11.51
CA ASN A 511 1.13 3.11 10.15
C ASN A 511 1.33 1.64 9.80
N ASP A 512 1.85 0.85 10.74
CA ASP A 512 2.09 -0.56 10.45
C ASP A 512 0.78 -1.28 10.17
N LEU A 513 -0.24 -0.97 10.97
CA LEU A 513 -1.59 -1.46 10.76
C LEU A 513 -2.10 -1.10 9.37
N MET A 514 -2.25 0.21 9.06
CA MET A 514 -2.79 0.53 7.74
C MET A 514 -1.95 -0.04 6.62
N LYS A 515 -0.62 0.02 6.74
CA LYS A 515 0.23 -0.58 5.70
C LYS A 515 -0.04 -2.07 5.55
N LYS A 516 -0.36 -2.77 6.63
CA LYS A 516 -0.60 -4.20 6.51
C LYS A 516 -2.00 -4.50 6.00
N TYR A 517 -2.97 -3.60 6.23
CA TYR A 517 -4.37 -3.88 5.89
C TYR A 517 -4.68 -3.62 4.43
N ASP A 518 -4.08 -2.58 3.83
CA ASP A 518 -4.49 -2.07 2.53
C ASP A 518 -3.29 -2.06 1.58
N LYS A 519 -2.95 -3.23 1.04
CA LYS A 519 -1.86 -3.35 0.06
C LYS A 519 -2.14 -2.54 -1.21
N SER A 520 -3.30 -1.91 -1.29
CA SER A 520 -3.67 -1.17 -2.48
C SER A 520 -3.23 0.29 -2.43
N LEU A 521 -2.82 0.79 -1.26
CA LEU A 521 -2.32 2.15 -1.06
C LEU A 521 -3.39 3.23 -1.23
N ARG A 522 -4.66 2.88 -1.50
CA ARG A 522 -5.65 3.88 -1.86
C ARG A 522 -6.70 4.18 -0.80
N LYS A 523 -6.99 3.27 0.13
CA LYS A 523 -7.99 3.63 1.13
C LYS A 523 -7.46 4.70 2.08
N TYR A 524 -8.39 5.41 2.69
CA TYR A 524 -8.07 6.27 3.81
C TYR A 524 -8.63 5.69 5.09
N PHE A 525 -8.08 6.15 6.20
CA PHE A 525 -8.50 5.73 7.52
C PHE A 525 -8.71 6.98 8.36
N TRP A 526 -9.73 6.96 9.20
CA TRP A 526 -10.12 8.14 9.96
C TRP A 526 -9.20 8.35 11.15
N THR A 527 -9.00 9.62 11.51
CA THR A 527 -8.65 10.03 12.87
C THR A 527 -9.87 10.65 13.53
N GLY A 528 -9.82 10.77 14.85
CA GLY A 528 -10.85 11.51 15.54
C GLY A 528 -10.75 13.01 15.43
N LEU A 529 -9.66 13.52 14.84
CA LEU A 529 -9.38 14.95 14.81
C LEU A 529 -10.36 15.70 13.89
N ARG A 530 -10.96 16.78 14.39
CA ARG A 530 -12.00 17.49 13.65
C ARG A 530 -12.02 18.96 14.04
N ASP A 531 -12.47 19.79 13.11
CA ASP A 531 -12.73 21.22 13.34
C ASP A 531 -14.25 21.34 13.26
N VAL A 532 -14.91 21.44 14.42
CA VAL A 532 -16.37 21.33 14.44
C VAL A 532 -17.02 22.63 14.00
N ASP A 533 -16.46 23.77 14.40
CA ASP A 533 -16.79 25.04 13.81
C ASP A 533 -15.74 25.36 12.76
N SER A 534 -16.03 26.31 11.87
CA SER A 534 -15.07 26.63 10.83
C SER A 534 -14.17 27.79 11.27
N CYS A 535 -13.46 27.54 12.38
CA CYS A 535 -12.63 28.58 12.96
C CYS A 535 -11.15 28.26 12.99
N GLY A 536 -10.77 26.98 12.97
CA GLY A 536 -9.37 26.62 12.88
C GLY A 536 -8.87 25.62 13.90
N GLU A 537 -9.55 25.49 15.05
CA GLU A 537 -9.10 24.54 16.07
C GLU A 537 -9.41 23.12 15.65
N TYR A 538 -8.39 22.28 15.64
CA TYR A 538 -8.58 20.85 15.46
C TYR A 538 -8.41 20.19 16.83
N ASN A 539 -9.45 19.53 17.30
CA ASN A 539 -9.40 18.83 18.57
C ASN A 539 -10.09 17.48 18.39
N TRP A 540 -9.77 16.56 19.28
CA TRP A 540 -10.30 15.20 19.14
C TRP A 540 -11.77 15.17 19.55
N ALA A 541 -12.61 14.73 18.62
CA ALA A 541 -14.01 14.49 18.89
C ALA A 541 -14.14 13.47 20.02
N THR A 542 -14.59 13.92 21.19
CA THR A 542 -14.77 13.02 22.33
C THR A 542 -16.19 13.03 22.90
N ARG A 548 -8.87 14.53 25.68
CA ARG A 548 -7.42 14.56 25.44
C ARG A 548 -7.03 15.82 24.64
N ALA A 549 -5.87 16.38 24.94
CA ALA A 549 -5.40 17.61 24.30
C ALA A 549 -4.46 17.28 23.14
N VAL A 550 -4.63 17.99 22.02
CA VAL A 550 -3.82 17.63 20.81
C VAL A 550 -2.41 18.11 21.20
N THR A 551 -1.57 17.19 21.67
CA THR A 551 -0.13 17.49 21.88
C THR A 551 0.66 16.95 20.69
N PHE A 552 0.34 15.72 20.25
CA PHE A 552 1.05 15.13 19.13
C PHE A 552 0.36 15.46 17.82
N SER A 553 1.11 16.09 16.91
CA SER A 553 0.66 16.42 15.56
C SER A 553 1.33 15.48 14.57
N ASN A 554 0.68 15.27 13.42
CA ASN A 554 1.29 14.51 12.32
C ASN A 554 0.74 14.99 10.98
N TRP A 555 0.69 16.30 10.78
CA TRP A 555 0.11 16.82 9.55
C TRP A 555 0.99 16.52 8.35
N ASN A 556 0.36 16.22 7.22
CA ASN A 556 1.11 16.10 5.99
C ASN A 556 1.57 17.49 5.52
N PHE A 557 2.36 17.48 4.45
CA PHE A 557 2.80 18.71 3.79
C PHE A 557 1.61 19.58 3.48
N LEU A 558 1.74 20.87 3.78
CA LEU A 558 0.72 21.86 3.45
C LEU A 558 -0.63 21.54 4.09
N GLU A 559 -0.60 21.15 5.35
CA GLU A 559 -1.79 20.78 6.10
C GLU A 559 -1.66 21.31 7.50
N PRO A 560 -2.78 21.68 8.15
CA PRO A 560 -4.17 21.52 7.70
C PRO A 560 -4.47 22.48 6.57
N ALA A 561 -5.16 21.97 5.55
CA ALA A 561 -5.35 22.74 4.34
C ALA A 561 -6.35 23.88 4.52
N SER A 562 -7.28 23.73 5.46
CA SER A 562 -8.48 24.55 5.47
C SER A 562 -9.29 24.22 6.72
N PRO A 563 -10.23 25.07 7.13
CA PRO A 563 -10.99 24.80 8.35
C PRO A 563 -12.24 23.95 8.12
N GLY A 564 -12.89 23.59 9.23
CA GLY A 564 -14.13 22.87 9.17
C GLY A 564 -14.02 21.42 8.74
N GLY A 565 -12.82 20.87 8.66
CA GLY A 565 -12.63 19.56 8.09
C GLY A 565 -12.64 18.43 9.10
N CYS A 566 -12.53 17.22 8.56
CA CYS A 566 -12.30 15.99 9.31
C CYS A 566 -11.05 15.33 8.74
N VAL A 567 -10.14 14.90 9.62
CA VAL A 567 -8.78 14.55 9.23
C VAL A 567 -8.63 13.06 9.05
N ALA A 568 -8.07 12.65 7.91
CA ALA A 568 -7.83 11.24 7.63
C ALA A 568 -6.36 11.03 7.26
N MET A 569 -5.97 9.76 7.17
CA MET A 569 -4.65 9.36 6.74
C MET A 569 -4.78 8.29 5.67
N SER A 570 -3.66 7.99 5.02
CA SER A 570 -3.60 6.88 4.05
C SER A 570 -2.25 6.20 4.15
N THR A 571 -1.98 5.31 3.22
CA THR A 571 -0.66 4.74 3.02
C THR A 571 -0.06 5.34 1.75
N GLY A 572 1.13 4.87 1.38
CA GLY A 572 1.82 5.36 0.21
C GLY A 572 3.00 6.26 0.52
N LYS A 573 3.16 7.35 -0.22
CA LYS A 573 4.34 8.19 -0.05
C LYS A 573 4.36 8.86 1.32
N SER A 574 3.20 9.07 1.92
CA SER A 574 3.04 9.91 3.10
C SER A 574 2.36 9.14 4.22
N VAL A 575 2.70 7.85 4.36
CA VAL A 575 1.95 6.95 5.24
C VAL A 575 1.70 7.60 6.58
N GLY A 576 0.45 7.61 7.02
CA GLY A 576 0.11 8.09 8.33
C GLY A 576 0.04 9.59 8.49
N LYS A 577 0.45 10.36 7.48
CA LYS A 577 0.39 11.81 7.63
C LYS A 577 -1.05 12.29 7.51
N TRP A 578 -1.42 13.26 8.36
CA TRP A 578 -2.79 13.73 8.49
C TRP A 578 -3.16 14.70 7.36
N GLU A 579 -4.35 14.51 6.78
CA GLU A 579 -4.87 15.42 5.76
C GLU A 579 -6.34 15.68 6.04
N VAL A 580 -6.74 16.94 5.87
CA VAL A 580 -8.10 17.37 6.20
C VAL A 580 -9.05 17.08 5.04
N LYS A 581 -10.14 16.38 5.34
CA LYS A 581 -11.14 16.00 4.37
C LYS A 581 -12.45 16.74 4.62
N ASP A 582 -13.37 16.65 3.66
CA ASP A 582 -14.66 17.28 3.83
C ASP A 582 -15.56 16.32 4.61
N CYS A 583 -16.01 16.74 5.81
CA CYS A 583 -16.83 15.87 6.63
C CYS A 583 -18.13 15.46 5.94
N ARG A 584 -18.59 16.21 4.94
CA ARG A 584 -19.86 15.87 4.31
C ARG A 584 -19.72 14.69 3.35
N SER A 585 -18.70 14.70 2.49
CA SER A 585 -18.65 13.76 1.39
C SER A 585 -17.63 12.64 1.54
N PHE A 586 -16.61 12.82 2.39
CA PHE A 586 -15.48 11.91 2.38
C PHE A 586 -15.76 10.65 3.20
N LYS A 587 -15.39 9.50 2.66
CA LYS A 587 -15.55 8.22 3.33
C LYS A 587 -14.17 7.59 3.58
N ALA A 588 -14.04 6.89 4.71
CA ALA A 588 -12.78 6.27 5.10
C ALA A 588 -13.02 5.16 6.10
N LEU A 589 -12.12 4.18 6.10
CA LEU A 589 -12.22 3.08 7.05
C LEU A 589 -12.08 3.56 8.49
N SER A 590 -12.65 2.80 9.41
CA SER A 590 -12.62 3.15 10.82
C SER A 590 -11.59 2.28 11.54
N ILE A 591 -10.61 2.92 12.18
CA ILE A 591 -9.71 2.28 13.13
C ILE A 591 -10.11 2.74 14.51
N CYS A 592 -10.40 1.78 15.39
CA CYS A 592 -10.95 2.07 16.72
C CYS A 592 -10.21 1.23 17.75
N LYS A 593 -10.30 1.67 19.01
CA LYS A 593 -9.49 1.08 20.07
C LYS A 593 -10.24 1.06 21.39
N LYS A 594 -9.88 0.09 22.24
CA LYS A 594 -10.39 0.04 23.61
C LYS A 594 -9.33 -0.56 24.52
N MET A 595 -9.72 -0.76 25.79
CA MET A 595 -8.95 -1.21 26.96
C MET A 595 -8.12 -0.08 27.55
N SER A 596 -8.14 1.08 26.90
CA SER A 596 -7.30 2.22 27.36
C SER A 596 -5.84 1.79 27.45
#